data_7N7H
#
_entry.id   7N7H
#
_cell.length_a   36.875
_cell.length_b   50.533
_cell.length_c   137.746
_cell.angle_alpha   90.000
_cell.angle_beta   90.000
_cell.angle_gamma   90.000
#
_symmetry.space_group_name_H-M   'P 21 21 21'
#
loop_
_entity.id
_entity.type
_entity.pdbx_description
1 polymer 'VIPERIN-LIKE ENZYME'
2 non-polymer 'IRON/SULFUR CLUSTER'
3 non-polymer S-ADENOSYLMETHIONINE
4 non-polymer "CYTIDINE-5'-TRIPHOSPHATE"
5 non-polymer 'SODIUM ION'
6 water water
#
_entity_poly.entity_id   1
_entity_poly.type   'polypeptide(L)'
_entity_poly.pdbx_seq_one_letter_code
;MTVPVSVNYHFTRQCNYQCGFCFHTAKTSFVLPIEEAKKGLLMLMKAGMEKVNFSGGEPFLHDRGKFVGELVRYCKQELE
LPSVSIVSNGSLIRDNWFNKYGECLDILAISCDSFDEETNVLIGRRQKGKNHVEALRRVRDMCQQYKVAFKLNTVVNTYN
KQEDMTSHIQELCPVRWKVFQCLVIAGENSGEDALRDAEQFLVSNHEFDQFISRHASLECLVPESNEKMQNSYLILDEYM
RFLDCTGGSKSPSKSILDVGVDQAMKFSGFDEKMFLKRGGKYVWSKADMKLDW
;
_entity_poly.pdbx_strand_id   A
#
loop_
_chem_comp.id
_chem_comp.type
_chem_comp.name
_chem_comp.formula
CTP non-polymer CYTIDINE-5'-TRIPHOSPHATE 'C9 H16 N3 O14 P3'
NA non-polymer 'SODIUM ION' 'Na 1'
SAM non-polymer S-ADENOSYLMETHIONINE 'C15 H22 N6 O5 S'
SF4 non-polymer 'IRON/SULFUR CLUSTER' 'Fe4 S4'
#
# COMPACT_ATOMS: atom_id res chain seq x y z
N MET A 1 -3.28 7.61 25.09
CA MET A 1 -3.99 6.93 23.99
C MET A 1 -3.31 7.25 22.67
N THR A 2 -3.10 6.22 21.84
CA THR A 2 -2.47 6.46 20.54
C THR A 2 -3.48 7.01 19.52
N VAL A 3 -3.09 8.10 18.87
CA VAL A 3 -3.94 8.71 17.84
C VAL A 3 -3.69 7.97 16.52
N PRO A 4 -4.75 7.58 15.80
CA PRO A 4 -4.54 6.86 14.50
C PRO A 4 -4.25 7.84 13.38
N VAL A 5 -3.02 8.39 13.37
CA VAL A 5 -2.74 9.54 12.53
CA VAL A 5 -2.75 9.55 12.53
C VAL A 5 -2.71 9.16 11.05
N SER A 6 -2.28 7.95 10.72
CA SER A 6 -2.11 7.54 9.34
C SER A 6 -2.58 6.10 9.23
N VAL A 7 -3.58 5.86 8.40
CA VAL A 7 -4.31 4.59 8.41
C VAL A 7 -4.45 3.99 7.01
N ASN A 8 -4.19 2.72 6.88
CA ASN A 8 -4.40 2.00 5.64
C ASN A 8 -5.76 1.31 5.67
N TYR A 9 -6.54 1.50 4.64
CA TYR A 9 -7.83 0.80 4.49
C TYR A 9 -7.79 -0.12 3.28
N HIS A 10 -7.63 -1.39 3.57
CA HIS A 10 -7.60 -2.42 2.51
C HIS A 10 -9.03 -2.81 2.23
N PHE A 11 -9.67 -2.00 1.37
CA PHE A 11 -11.10 -2.07 1.34
C PHE A 11 -11.57 -3.27 0.53
N THR A 12 -10.72 -3.87 -0.29
CA THR A 12 -11.04 -5.08 -1.04
C THR A 12 -9.81 -5.98 -0.95
N ARG A 13 -10.06 -7.31 -1.00
CA ARG A 13 -8.99 -8.32 -1.14
C ARG A 13 -8.91 -8.86 -2.57
N GLN A 14 -9.76 -8.41 -3.49
CA GLN A 14 -9.70 -8.94 -4.83
C GLN A 14 -8.53 -8.28 -5.57
N CYS A 15 -7.87 -9.02 -6.45
CA CYS A 15 -6.76 -8.50 -7.21
C CYS A 15 -6.70 -9.16 -8.56
N ASN A 16 -6.13 -8.46 -9.52
CA ASN A 16 -5.94 -9.03 -10.84
C ASN A 16 -4.57 -9.60 -11.07
N TYR A 17 -3.60 -9.41 -10.17
CA TYR A 17 -2.24 -9.95 -10.30
C TYR A 17 -2.10 -11.19 -9.40
N GLN A 18 -0.91 -11.76 -9.40
CA GLN A 18 -0.73 -13.04 -8.74
C GLN A 18 0.58 -13.11 -8.01
N CYS A 19 1.05 -12.01 -7.45
CA CYS A 19 2.38 -11.95 -6.88
C CYS A 19 2.57 -13.07 -5.86
N GLY A 20 3.68 -13.81 -6.05
CA GLY A 20 3.86 -15.03 -5.29
C GLY A 20 4.05 -14.83 -3.78
N PHE A 21 4.52 -13.67 -3.36
CA PHE A 21 4.75 -13.41 -1.96
C PHE A 21 3.64 -12.60 -1.35
N CYS A 22 2.57 -12.29 -2.08
CA CYS A 22 1.55 -11.34 -1.58
C CYS A 22 1.19 -11.64 -0.14
N PHE A 23 1.19 -10.58 0.71
CA PHE A 23 0.85 -10.72 2.13
C PHE A 23 -0.55 -10.19 2.47
N HIS A 24 -1.38 -9.90 1.46
CA HIS A 24 -2.76 -9.41 1.71
C HIS A 24 -3.62 -9.99 0.60
N THR A 25 -3.95 -11.25 0.78
CA THR A 25 -4.41 -12.14 -0.28
C THR A 25 -5.94 -12.12 -0.45
N ALA A 26 -6.41 -12.80 -1.50
CA ALA A 26 -7.80 -12.69 -1.90
C ALA A 26 -8.64 -13.72 -1.14
N LYS A 27 -8.63 -13.58 0.19
CA LYS A 27 -9.31 -14.56 1.03
C LYS A 27 -10.84 -14.38 1.06
N THR A 28 -11.32 -13.20 0.73
CA THR A 28 -12.73 -12.87 0.63
C THR A 28 -12.90 -11.91 -0.54
N SER A 29 -14.15 -11.72 -0.94
CA SER A 29 -14.55 -10.69 -1.88
C SER A 29 -15.47 -9.66 -1.26
N PHE A 30 -15.62 -9.68 0.06
CA PHE A 30 -16.49 -8.69 0.70
C PHE A 30 -15.91 -7.28 0.57
N VAL A 31 -16.80 -6.30 0.27
CA VAL A 31 -16.46 -4.88 0.31
C VAL A 31 -17.63 -4.20 1.02
N LEU A 32 -17.33 -3.26 1.88
CA LEU A 32 -18.42 -2.58 2.58
C LEU A 32 -19.24 -1.77 1.57
N PRO A 33 -20.54 -1.62 1.81
CA PRO A 33 -21.30 -0.56 1.13
C PRO A 33 -20.57 0.77 1.31
N ILE A 34 -20.53 1.56 0.25
CA ILE A 34 -19.71 2.77 0.27
C ILE A 34 -20.12 3.71 1.43
N GLU A 35 -21.39 3.75 1.78
CA GLU A 35 -21.81 4.61 2.90
C GLU A 35 -21.27 4.13 4.22
N GLU A 36 -21.10 2.82 4.39
CA GLU A 36 -20.52 2.34 5.64
CA GLU A 36 -20.52 2.31 5.63
C GLU A 36 -19.03 2.64 5.68
N ALA A 37 -18.34 2.53 4.54
CA ALA A 37 -16.94 2.91 4.50
C ALA A 37 -16.77 4.36 4.85
N LYS A 38 -17.69 5.22 4.35
CA LYS A 38 -17.61 6.66 4.67
C LYS A 38 -17.79 6.91 6.17
N LYS A 39 -18.66 6.13 6.85
CA LYS A 39 -18.86 6.27 8.30
C LYS A 39 -17.63 5.88 9.05
N GLY A 40 -16.89 4.89 8.56
CA GLY A 40 -15.65 4.51 9.20
C GLY A 40 -14.61 5.60 9.02
N LEU A 41 -14.53 6.15 7.79
CA LEU A 41 -13.55 7.20 7.57
C LEU A 41 -13.86 8.44 8.41
N LEU A 42 -15.15 8.81 8.52
CA LEU A 42 -15.53 9.92 9.38
C LEU A 42 -15.06 9.69 10.83
N MET A 43 -15.37 8.51 11.42
CA MET A 43 -14.98 8.34 12.83
C MET A 43 -13.44 8.31 12.96
N LEU A 44 -12.70 7.83 11.95
CA LEU A 44 -11.25 7.90 11.99
C LEU A 44 -10.75 9.32 11.98
N MET A 45 -11.34 10.20 11.13
CA MET A 45 -10.93 11.58 11.15
C MET A 45 -11.25 12.19 12.51
N LYS A 46 -12.45 11.88 13.08
CA LYS A 46 -12.78 12.43 14.39
C LYS A 46 -11.76 11.99 15.49
N ALA A 47 -11.16 10.77 15.33
CA ALA A 47 -10.18 10.28 16.25
C ALA A 47 -8.81 10.90 16.01
N GLY A 48 -8.63 11.67 14.95
CA GLY A 48 -7.34 12.28 14.67
C GLY A 48 -6.63 11.78 13.43
N MET A 49 -7.25 10.90 12.61
CA MET A 49 -6.63 10.50 11.35
C MET A 49 -6.37 11.72 10.44
N GLU A 50 -5.10 11.85 9.99
CA GLU A 50 -4.73 12.92 9.06
C GLU A 50 -4.36 12.41 7.69
N LYS A 51 -3.93 11.15 7.59
CA LYS A 51 -3.59 10.53 6.30
C LYS A 51 -4.30 9.20 6.20
N VAL A 52 -4.94 8.97 5.05
CA VAL A 52 -5.50 7.67 4.73
C VAL A 52 -4.88 7.15 3.44
N ASN A 53 -4.50 5.88 3.47
CA ASN A 53 -4.02 5.19 2.27
C ASN A 53 -4.97 4.05 1.88
N PHE A 54 -5.49 4.05 0.64
CA PHE A 54 -6.35 2.98 0.18
C PHE A 54 -5.49 1.92 -0.46
N SER A 55 -5.70 0.68 -0.01
CA SER A 55 -4.90 -0.48 -0.42
C SER A 55 -5.87 -1.63 -0.65
N GLY A 56 -5.27 -2.82 -0.66
CA GLY A 56 -6.06 -3.99 -0.96
C GLY A 56 -5.16 -5.21 -0.87
N GLY A 57 -5.34 -6.23 -1.74
CA GLY A 57 -6.16 -6.17 -2.93
C GLY A 57 -5.68 -5.10 -3.92
N GLU A 58 -6.33 -5.03 -5.09
CA GLU A 58 -6.03 -3.95 -6.05
C GLU A 58 -7.13 -2.90 -5.96
N PRO A 59 -6.85 -1.71 -5.47
CA PRO A 59 -7.95 -0.72 -5.32
C PRO A 59 -8.65 -0.35 -6.61
N PHE A 60 -7.97 -0.36 -7.77
CA PHE A 60 -8.67 0.06 -8.96
C PHE A 60 -9.50 -1.02 -9.60
N LEU A 61 -9.49 -2.24 -9.07
CA LEU A 61 -10.27 -3.31 -9.67
C LEU A 61 -11.73 -3.20 -9.27
N HIS A 62 -12.02 -2.66 -8.10
CA HIS A 62 -13.40 -2.65 -7.61
C HIS A 62 -14.19 -1.57 -8.32
N ASP A 63 -15.31 -1.98 -8.94
CA ASP A 63 -16.25 -1.05 -9.60
C ASP A 63 -15.52 -0.13 -10.58
N ARG A 64 -14.56 -0.69 -11.32
CA ARG A 64 -13.84 0.08 -12.32
C ARG A 64 -13.20 1.33 -11.79
N GLY A 65 -12.73 1.30 -10.53
CA GLY A 65 -12.07 2.47 -9.94
C GLY A 65 -13.02 3.49 -9.31
N LYS A 66 -14.34 3.32 -9.48
CA LYS A 66 -15.25 4.37 -8.99
C LYS A 66 -15.31 4.37 -7.45
N PHE A 67 -15.18 3.21 -6.81
CA PHE A 67 -15.29 3.16 -5.35
C PHE A 67 -14.13 3.90 -4.71
N VAL A 68 -12.87 3.61 -5.15
CA VAL A 68 -11.73 4.30 -4.57
C VAL A 68 -11.76 5.79 -4.94
N GLY A 69 -12.22 6.14 -6.14
CA GLY A 69 -12.38 7.55 -6.50
C GLY A 69 -13.29 8.28 -5.53
N GLU A 70 -14.47 7.72 -5.29
CA GLU A 70 -15.43 8.36 -4.38
C GLU A 70 -14.89 8.46 -2.95
N LEU A 71 -14.18 7.42 -2.48
CA LEU A 71 -13.57 7.53 -1.15
C LEU A 71 -12.48 8.62 -1.08
N VAL A 72 -11.67 8.76 -2.12
CA VAL A 72 -10.68 9.83 -2.19
C VAL A 72 -11.38 11.18 -2.16
N ARG A 73 -12.42 11.37 -2.97
CA ARG A 73 -13.13 12.63 -3.01
C ARG A 73 -13.80 12.93 -1.65
N TYR A 74 -14.42 11.92 -1.03
CA TYR A 74 -15.04 12.09 0.27
C TYR A 74 -14.02 12.52 1.32
N CYS A 75 -12.85 11.86 1.35
CA CYS A 75 -11.86 12.19 2.36
C CYS A 75 -11.30 13.58 2.14
N LYS A 76 -11.08 13.99 0.88
CA LYS A 76 -10.47 15.27 0.63
C LYS A 76 -11.48 16.41 0.77
N GLN A 77 -12.68 16.25 0.18
CA GLN A 77 -13.65 17.34 0.14
C GLN A 77 -14.55 17.40 1.37
N GLU A 78 -15.00 16.25 1.91
CA GLU A 78 -15.92 16.27 3.03
C GLU A 78 -15.20 16.18 4.39
N LEU A 79 -14.21 15.33 4.52
CA LEU A 79 -13.42 15.19 5.74
C LEU A 79 -12.23 16.17 5.81
N GLU A 80 -11.89 16.84 4.71
CA GLU A 80 -10.74 17.77 4.69
C GLU A 80 -9.42 17.15 5.16
N LEU A 81 -9.20 15.89 4.87
CA LEU A 81 -7.98 15.24 5.35
C LEU A 81 -6.72 15.88 4.76
N PRO A 82 -5.68 16.07 5.56
CA PRO A 82 -4.45 16.60 5.01
C PRO A 82 -3.87 15.75 3.90
N SER A 83 -3.96 14.42 4.00
CA SER A 83 -3.29 13.55 3.04
C SER A 83 -4.20 12.40 2.67
N VAL A 84 -4.36 12.18 1.37
CA VAL A 84 -5.08 11.02 0.83
C VAL A 84 -4.16 10.37 -0.18
N SER A 85 -3.92 9.08 0.00
CA SER A 85 -3.02 8.33 -0.93
C SER A 85 -3.63 6.98 -1.33
N ILE A 86 -3.04 6.36 -2.34
CA ILE A 86 -3.42 5.03 -2.77
C ILE A 86 -2.12 4.27 -3.01
N VAL A 87 -2.12 2.94 -2.78
CA VAL A 87 -1.07 2.06 -3.27
CA VAL A 87 -1.07 2.04 -3.24
C VAL A 87 -1.70 1.10 -4.26
N SER A 88 -1.13 1.02 -5.44
CA SER A 88 -1.75 0.28 -6.53
C SER A 88 -0.71 -0.45 -7.39
N ASN A 89 -1.14 -1.59 -8.01
CA ASN A 89 -0.26 -2.17 -9.03
C ASN A 89 -0.21 -1.40 -10.34
N GLY A 90 -1.08 -0.38 -10.52
CA GLY A 90 -1.03 0.52 -11.67
C GLY A 90 -1.71 0.03 -12.93
N SER A 91 -1.99 -1.24 -13.04
CA SER A 91 -2.48 -1.81 -14.31
C SER A 91 -3.85 -1.32 -14.74
N LEU A 92 -4.67 -0.79 -13.83
CA LEU A 92 -6.05 -0.49 -14.17
C LEU A 92 -6.34 0.98 -13.96
N ILE A 93 -5.31 1.83 -13.89
CA ILE A 93 -5.52 3.27 -13.71
C ILE A 93 -5.65 3.92 -15.08
N ARG A 94 -6.76 4.63 -15.30
CA ARG A 94 -7.09 5.20 -16.60
C ARG A 94 -7.11 6.72 -16.54
N ASP A 95 -6.90 7.36 -17.68
CA ASP A 95 -6.89 8.81 -17.75
C ASP A 95 -8.18 9.47 -17.29
N ASN A 96 -9.35 8.86 -17.63
CA ASN A 96 -10.61 9.49 -17.18
C ASN A 96 -10.73 9.52 -15.65
N TRP A 97 -10.22 8.49 -14.97
CA TRP A 97 -10.22 8.50 -13.51
C TRP A 97 -9.36 9.65 -13.00
N PHE A 98 -8.15 9.79 -13.56
CA PHE A 98 -7.27 10.85 -13.09
C PHE A 98 -7.91 12.23 -13.29
N ASN A 99 -8.56 12.42 -14.44
CA ASN A 99 -9.13 13.72 -14.69
C ASN A 99 -10.25 14.03 -13.71
N LYS A 100 -10.96 13.01 -13.23
CA LYS A 100 -12.04 13.23 -12.29
C LYS A 100 -11.54 13.35 -10.87
N TYR A 101 -10.60 12.48 -10.46
CA TYR A 101 -10.24 12.38 -9.04
C TYR A 101 -8.84 12.84 -8.69
N GLY A 102 -7.98 13.09 -9.65
CA GLY A 102 -6.59 13.39 -9.27
C GLY A 102 -6.42 14.66 -8.45
N GLU A 103 -7.29 15.66 -8.60
CA GLU A 103 -7.13 16.85 -7.79
C GLU A 103 -7.30 16.54 -6.30
N CYS A 104 -7.99 15.46 -5.96
CA CYS A 104 -8.22 15.08 -4.58
C CYS A 104 -7.20 14.12 -4.05
N LEU A 105 -6.29 13.62 -4.87
CA LEU A 105 -5.30 12.65 -4.42
C LEU A 105 -3.98 13.33 -4.17
N ASP A 106 -3.41 13.16 -2.97
CA ASP A 106 -2.11 13.74 -2.70
C ASP A 106 -0.99 12.89 -3.28
N ILE A 107 -1.06 11.56 -3.05
CA ILE A 107 0.09 10.72 -3.41
C ILE A 107 -0.45 9.44 -4.05
N LEU A 108 0.21 8.97 -5.12
CA LEU A 108 -0.12 7.69 -5.74
C LEU A 108 1.16 6.85 -5.73
N ALA A 109 1.14 5.73 -5.02
CA ALA A 109 2.22 4.77 -4.98
C ALA A 109 1.90 3.63 -5.93
N ILE A 110 2.85 3.38 -6.86
CA ILE A 110 2.73 2.25 -7.75
C ILE A 110 3.78 1.24 -7.35
N SER A 111 3.39 -0.01 -7.27
CA SER A 111 4.33 -1.08 -6.89
C SER A 111 5.06 -1.56 -8.14
N CYS A 112 6.40 -1.54 -8.07
CA CYS A 112 7.24 -2.05 -9.16
CA CYS A 112 7.23 -2.07 -9.15
C CYS A 112 8.40 -2.76 -8.49
N ASP A 113 8.46 -4.09 -8.65
CA ASP A 113 9.52 -4.91 -8.08
C ASP A 113 10.65 -5.18 -9.05
N SER A 114 10.50 -4.84 -10.32
CA SER A 114 11.61 -5.08 -11.23
C SER A 114 11.39 -4.30 -12.50
N PHE A 115 12.48 -3.95 -13.13
CA PHE A 115 12.43 -3.38 -14.47
C PHE A 115 12.72 -4.42 -15.53
N ASP A 116 12.82 -5.67 -15.14
CA ASP A 116 13.10 -6.79 -16.03
C ASP A 116 11.83 -7.60 -16.18
N GLU A 117 11.33 -7.73 -17.43
CA GLU A 117 9.96 -8.26 -17.48
C GLU A 117 9.92 -9.77 -17.19
N GLU A 118 11.02 -10.48 -17.45
CA GLU A 118 11.13 -11.87 -17.03
C GLU A 118 11.02 -12.01 -15.50
N THR A 119 11.66 -11.11 -14.75
CA THR A 119 11.52 -11.11 -13.30
C THR A 119 10.06 -10.87 -12.90
N ASN A 120 9.37 -9.92 -13.53
CA ASN A 120 7.98 -9.67 -13.16
C ASN A 120 7.10 -10.89 -13.44
N VAL A 121 7.44 -11.65 -14.48
CA VAL A 121 6.71 -12.88 -14.76
C VAL A 121 6.96 -13.89 -13.67
N LEU A 122 8.21 -14.07 -13.29
CA LEU A 122 8.51 -14.99 -12.22
C LEU A 122 7.81 -14.62 -10.92
N ILE A 123 7.70 -13.31 -10.63
CA ILE A 123 7.12 -12.85 -9.37
C ILE A 123 5.59 -12.99 -9.39
N GLY A 124 4.98 -12.88 -10.56
CA GLY A 124 3.51 -12.87 -10.61
C GLY A 124 2.89 -11.52 -10.73
N ARG A 125 3.65 -10.49 -11.06
CA ARG A 125 3.15 -9.14 -11.36
C ARG A 125 2.54 -9.11 -12.76
N ARG A 126 1.52 -9.93 -12.94
CA ARG A 126 0.94 -10.14 -14.26
C ARG A 126 -0.51 -10.58 -14.10
N GLN A 127 -1.37 -10.20 -15.02
CA GLN A 127 -2.74 -10.73 -15.03
C GLN A 127 -2.79 -12.06 -15.79
N LYS A 128 -3.72 -12.96 -15.41
CA LYS A 128 -3.87 -14.21 -16.17
C LYS A 128 -4.75 -13.94 -17.39
N GLY A 129 -4.31 -14.43 -18.54
CA GLY A 129 -4.91 -14.06 -19.81
C GLY A 129 -4.20 -12.85 -20.41
N LYS A 130 -4.96 -11.77 -20.62
CA LYS A 130 -4.47 -10.53 -21.22
C LYS A 130 -3.48 -9.87 -20.28
N ASN A 131 -2.66 -8.97 -20.83
CA ASN A 131 -1.72 -8.24 -20.00
C ASN A 131 -1.45 -6.84 -20.54
N HIS A 132 -1.06 -5.94 -19.64
CA HIS A 132 -0.67 -4.57 -19.96
C HIS A 132 0.86 -4.44 -20.01
N VAL A 133 1.32 -3.36 -20.64
CA VAL A 133 2.70 -3.30 -21.10
C VAL A 133 3.57 -2.38 -20.25
N GLU A 134 3.27 -1.08 -20.31
CA GLU A 134 4.06 -0.06 -19.64
C GLU A 134 3.16 0.76 -18.77
N ALA A 135 2.38 0.05 -17.97
CA ALA A 135 1.47 0.74 -17.07
C ALA A 135 2.22 1.72 -16.20
N LEU A 136 3.44 1.35 -15.77
CA LEU A 136 4.15 2.22 -14.83
C LEU A 136 4.46 3.59 -15.44
N ARG A 137 5.05 3.60 -16.63
CA ARG A 137 5.40 4.86 -17.26
C ARG A 137 4.18 5.69 -17.57
N ARG A 138 3.09 5.04 -17.98
CA ARG A 138 1.87 5.78 -18.34
C ARG A 138 1.27 6.41 -17.09
N VAL A 139 1.21 5.67 -16.00
CA VAL A 139 0.77 6.26 -14.74
C VAL A 139 1.72 7.38 -14.26
N ARG A 140 3.04 7.18 -14.37
CA ARG A 140 3.97 8.24 -13.94
C ARG A 140 3.71 9.55 -14.69
N ASP A 141 3.45 9.43 -16.00
CA ASP A 141 3.13 10.61 -16.80
C ASP A 141 1.82 11.24 -16.37
N MET A 142 0.81 10.42 -16.06
CA MET A 142 -0.43 11.01 -15.56
C MET A 142 -0.23 11.79 -14.24
N CYS A 143 0.61 11.30 -13.34
CA CYS A 143 0.89 12.03 -12.10
C CYS A 143 1.51 13.39 -12.36
N GLN A 144 2.41 13.46 -13.36
CA GLN A 144 2.94 14.78 -13.69
C GLN A 144 1.83 15.65 -14.31
N GLN A 145 1.05 15.07 -15.23
CA GLN A 145 0.03 15.85 -15.95
C GLN A 145 -1.04 16.41 -15.01
N TYR A 146 -1.42 15.66 -13.98
CA TYR A 146 -2.51 16.06 -13.10
C TYR A 146 -2.00 16.53 -11.75
N LYS A 147 -0.68 16.63 -11.62
CA LYS A 147 -0.06 17.16 -10.40
C LYS A 147 -0.40 16.34 -9.15
N VAL A 148 -0.16 15.03 -9.22
CA VAL A 148 -0.18 14.16 -8.05
C VAL A 148 1.26 13.72 -7.77
N ALA A 149 1.63 13.66 -6.46
CA ALA A 149 2.99 13.17 -6.09
C ALA A 149 3.10 11.68 -6.45
N PHE A 150 4.20 11.34 -7.13
CA PHE A 150 4.46 9.96 -7.55
C PHE A 150 5.39 9.25 -6.59
N LYS A 151 4.94 8.08 -6.14
CA LYS A 151 5.68 7.25 -5.21
C LYS A 151 5.84 5.87 -5.81
N LEU A 152 6.96 5.23 -5.49
CA LEU A 152 7.17 3.88 -5.99
C LEU A 152 7.44 2.95 -4.79
N ASN A 153 6.91 1.71 -4.87
CA ASN A 153 7.10 0.69 -3.84
C ASN A 153 7.75 -0.51 -4.49
N THR A 154 8.76 -1.05 -3.84
CA THR A 154 9.45 -2.24 -4.30
C THR A 154 9.61 -3.24 -3.16
N VAL A 155 9.35 -4.52 -3.45
CA VAL A 155 9.61 -5.61 -2.50
C VAL A 155 10.90 -6.31 -2.87
N VAL A 156 11.90 -6.27 -1.97
CA VAL A 156 13.12 -7.03 -2.21
C VAL A 156 12.84 -8.50 -1.98
N ASN A 157 13.15 -9.32 -2.99
CA ASN A 157 12.88 -10.74 -2.89
C ASN A 157 13.97 -11.50 -3.65
N THR A 158 13.87 -12.83 -3.66
CA THR A 158 14.95 -13.62 -4.28
C THR A 158 15.25 -13.17 -5.70
N TYR A 159 14.22 -12.81 -6.46
CA TYR A 159 14.40 -12.63 -7.91
C TYR A 159 14.81 -11.22 -8.29
N ASN A 160 14.81 -10.25 -7.36
CA ASN A 160 15.39 -8.92 -7.67
C ASN A 160 16.53 -8.55 -6.74
N LYS A 161 17.02 -9.51 -5.94
CA LYS A 161 17.92 -9.09 -4.87
C LYS A 161 19.25 -8.51 -5.39
N GLN A 162 19.67 -8.85 -6.61
CA GLN A 162 20.87 -8.25 -7.19
C GLN A 162 20.57 -7.11 -8.16
N GLU A 163 19.32 -6.74 -8.35
CA GLU A 163 18.95 -5.76 -9.38
C GLU A 163 19.43 -4.37 -8.98
N ASP A 164 20.06 -3.67 -9.93
CA ASP A 164 20.47 -2.27 -9.76
C ASP A 164 19.37 -1.44 -10.46
N MET A 165 18.52 -0.80 -9.66
CA MET A 165 17.43 0.03 -10.16
C MET A 165 17.80 1.51 -10.30
N THR A 166 19.06 1.90 -10.03
CA THR A 166 19.43 3.31 -9.92
C THR A 166 19.04 4.13 -11.14
N SER A 167 19.44 3.71 -12.36
CA SER A 167 19.11 4.55 -13.51
C SER A 167 17.59 4.70 -13.70
N HIS A 168 16.82 3.64 -13.42
CA HIS A 168 15.38 3.74 -13.56
C HIS A 168 14.79 4.68 -12.52
N ILE A 169 15.21 4.58 -11.26
CA ILE A 169 14.67 5.49 -10.24
C ILE A 169 15.06 6.91 -10.55
N GLN A 170 16.24 7.10 -11.11
CA GLN A 170 16.67 8.46 -11.44
C GLN A 170 15.74 9.04 -12.49
N GLU A 171 15.30 8.20 -13.44
CA GLU A 171 14.47 8.69 -14.53
C GLU A 171 13.04 8.95 -14.05
N LEU A 172 12.56 8.14 -13.14
CA LEU A 172 11.19 8.28 -12.71
C LEU A 172 11.03 9.37 -11.67
N CYS A 173 12.07 9.66 -10.90
CA CYS A 173 12.03 10.76 -9.92
CA CYS A 173 12.03 10.74 -9.92
C CYS A 173 10.85 10.69 -8.94
N PRO A 174 10.67 9.59 -8.22
CA PRO A 174 9.58 9.56 -7.25
C PRO A 174 9.91 10.46 -6.06
N VAL A 175 8.85 10.92 -5.41
CA VAL A 175 9.07 11.72 -4.21
C VAL A 175 9.48 10.84 -3.03
N ARG A 176 9.17 9.55 -3.09
CA ARG A 176 9.34 8.60 -2.01
C ARG A 176 9.41 7.23 -2.69
N TRP A 177 10.41 6.44 -2.35
CA TRP A 177 10.66 5.11 -2.91
C TRP A 177 10.71 4.17 -1.73
N LYS A 178 9.62 3.47 -1.45
CA LYS A 178 9.65 2.54 -0.34
C LYS A 178 10.24 1.24 -0.81
N VAL A 179 11.18 0.71 -0.01
CA VAL A 179 11.83 -0.55 -0.38
C VAL A 179 11.63 -1.51 0.79
N PHE A 180 10.74 -2.47 0.60
CA PHE A 180 10.33 -3.40 1.67
C PHE A 180 11.08 -4.71 1.57
N GLN A 181 11.59 -5.20 2.69
CA GLN A 181 12.03 -6.58 2.70
C GLN A 181 10.81 -7.51 2.58
N CYS A 182 10.90 -8.55 1.75
CA CYS A 182 9.73 -9.44 1.67
C CYS A 182 9.36 -9.96 3.07
N LEU A 183 8.06 -9.81 3.45
CA LEU A 183 7.60 -10.11 4.81
C LEU A 183 6.64 -11.31 4.79
N VAL A 184 6.83 -12.25 5.70
CA VAL A 184 5.92 -13.38 5.89
CA VAL A 184 5.91 -13.35 5.85
C VAL A 184 4.83 -13.00 6.86
N ILE A 185 3.59 -13.30 6.48
CA ILE A 185 2.42 -13.18 7.38
C ILE A 185 1.63 -14.50 7.36
N ALA A 186 1.58 -15.18 8.51
CA ALA A 186 0.88 -16.44 8.56
C ALA A 186 -0.61 -16.24 8.25
N GLY A 187 -1.17 -17.20 7.51
CA GLY A 187 -2.50 -17.10 6.99
C GLY A 187 -2.62 -16.31 5.69
N GLU A 188 -1.55 -15.68 5.25
CA GLU A 188 -1.57 -14.89 4.02
C GLU A 188 -0.60 -15.55 3.05
N ASN A 189 0.73 -15.55 3.39
CA ASN A 189 1.70 -16.16 2.49
C ASN A 189 2.53 -17.25 3.19
N SER A 190 2.01 -17.79 4.30
CA SER A 190 2.50 -19.03 4.88
C SER A 190 1.33 -19.67 5.61
N GLY A 191 1.41 -20.99 5.82
CA GLY A 191 0.31 -21.65 6.48
C GLY A 191 -0.45 -22.54 5.51
N GLU A 192 -1.14 -23.54 6.09
CA GLU A 192 -1.68 -24.64 5.28
C GLU A 192 -2.72 -24.14 4.29
N ASP A 193 -3.55 -23.20 4.72
CA ASP A 193 -4.62 -22.76 3.85
C ASP A 193 -4.27 -21.45 3.16
N ALA A 194 -3.01 -21.07 3.19
CA ALA A 194 -2.67 -19.76 2.63
C ALA A 194 -2.75 -19.81 1.12
N LEU A 195 -3.14 -18.68 0.50
CA LEU A 195 -3.28 -18.60 -0.92
C LEU A 195 -1.93 -18.42 -1.62
N ARG A 196 -0.91 -18.02 -0.84
CA ARG A 196 0.42 -17.75 -1.38
C ARG A 196 1.42 -18.44 -0.51
N ASP A 197 2.60 -18.69 -1.11
CA ASP A 197 3.73 -19.27 -0.40
C ASP A 197 4.96 -18.39 -0.63
N ALA A 198 5.30 -17.53 0.36
CA ALA A 198 6.45 -16.65 0.15
C ALA A 198 7.82 -17.31 0.27
N GLU A 199 7.92 -18.57 0.71
CA GLU A 199 9.24 -19.13 1.08
C GLU A 199 10.30 -18.90 0.00
N GLN A 200 9.96 -19.14 -1.28
CA GLN A 200 10.98 -19.06 -2.35
C GLN A 200 11.44 -17.61 -2.57
N PHE A 201 10.70 -16.61 -2.06
CA PHE A 201 10.95 -15.19 -2.29
C PHE A 201 11.75 -14.54 -1.19
N LEU A 202 11.85 -15.15 -0.02
CA LEU A 202 12.41 -14.46 1.16
C LEU A 202 13.93 -14.22 0.98
N VAL A 203 14.42 -13.11 1.54
CA VAL A 203 15.86 -12.81 1.50
C VAL A 203 16.37 -12.70 2.94
N SER A 204 17.68 -12.90 3.11
CA SER A 204 18.23 -12.70 4.44
C SER A 204 18.26 -11.21 4.76
N ASN A 205 18.34 -10.88 6.04
CA ASN A 205 18.48 -9.46 6.42
C ASN A 205 19.71 -8.86 5.73
N HIS A 206 20.79 -9.62 5.63
CA HIS A 206 21.98 -9.11 4.93
C HIS A 206 21.76 -8.87 3.44
N GLU A 207 21.10 -9.80 2.73
CA GLU A 207 20.77 -9.50 1.33
C GLU A 207 19.89 -8.25 1.22
N PHE A 208 18.93 -8.08 2.13
CA PHE A 208 18.20 -6.82 2.13
C PHE A 208 19.13 -5.63 2.29
N ASP A 209 20.03 -5.69 3.28
CA ASP A 209 20.95 -4.60 3.50
C ASP A 209 21.77 -4.33 2.23
N GLN A 210 22.16 -5.37 1.50
CA GLN A 210 23.00 -5.10 0.30
C GLN A 210 22.18 -4.45 -0.82
N PHE A 211 20.87 -4.75 -0.91
CA PHE A 211 20.04 -4.05 -1.86
C PHE A 211 19.91 -2.57 -1.48
N ILE A 212 19.69 -2.32 -0.19
CA ILE A 212 19.67 -0.92 0.26
C ILE A 212 20.98 -0.21 -0.05
N SER A 213 22.12 -0.81 0.30
CA SER A 213 23.42 -0.16 0.11
C SER A 213 23.68 0.16 -1.37
N ARG A 214 23.19 -0.71 -2.27
CA ARG A 214 23.41 -0.53 -3.69
C ARG A 214 22.73 0.75 -4.18
N HIS A 215 21.69 1.19 -3.45
CA HIS A 215 20.84 2.29 -3.86
C HIS A 215 20.91 3.46 -2.92
N ALA A 216 21.98 3.53 -2.11
CA ALA A 216 22.09 4.55 -1.09
C ALA A 216 22.19 5.94 -1.70
N SER A 217 22.58 6.05 -2.98
CA SER A 217 22.69 7.37 -3.62
C SER A 217 21.34 8.01 -3.83
N LEU A 218 20.25 7.24 -3.82
CA LEU A 218 18.92 7.78 -4.10
C LEU A 218 18.32 8.35 -2.83
N GLU A 219 18.14 9.68 -2.82
CA GLU A 219 17.66 10.36 -1.62
C GLU A 219 16.20 10.07 -1.31
N CYS A 220 15.44 9.61 -2.28
CA CYS A 220 14.05 9.26 -2.05
C CYS A 220 13.87 7.91 -1.38
N LEU A 221 14.93 7.11 -1.19
CA LEU A 221 14.82 5.76 -0.68
C LEU A 221 14.38 5.74 0.80
N VAL A 222 13.32 5.00 1.08
CA VAL A 222 12.80 4.76 2.42
C VAL A 222 12.85 3.26 2.68
N PRO A 223 13.91 2.73 3.33
CA PRO A 223 14.00 1.26 3.48
C PRO A 223 13.11 0.79 4.62
N GLU A 224 12.52 -0.38 4.46
CA GLU A 224 11.75 -0.98 5.58
C GLU A 224 12.08 -2.45 5.66
N SER A 225 13.04 -2.78 6.55
CA SER A 225 13.33 -4.15 6.86
C SER A 225 12.06 -4.82 7.50
N ASN A 226 12.08 -6.13 7.67
CA ASN A 226 10.94 -6.77 8.34
C ASN A 226 10.67 -6.13 9.71
N GLU A 227 11.72 -5.81 10.47
CA GLU A 227 11.53 -5.19 11.77
C GLU A 227 10.80 -3.88 11.66
N LYS A 228 11.14 -3.09 10.66
CA LYS A 228 10.53 -1.75 10.51
C LYS A 228 9.15 -1.81 9.93
N MET A 229 8.79 -2.87 9.19
CA MET A 229 7.51 -2.92 8.50
C MET A 229 6.42 -3.65 9.29
N GLN A 230 6.74 -4.68 10.09
CA GLN A 230 5.74 -5.68 10.46
C GLN A 230 4.57 -5.03 11.24
N ASN A 231 4.87 -4.20 12.24
CA ASN A 231 3.85 -3.71 13.19
C ASN A 231 3.71 -2.19 13.16
N SER A 232 4.27 -1.53 12.17
CA SER A 232 4.35 -0.07 12.13
C SER A 232 3.29 0.57 11.26
N TYR A 233 2.21 -0.16 10.95
CA TYR A 233 1.07 0.36 10.18
C TYR A 233 -0.22 0.13 10.95
N LEU A 234 -1.18 1.04 10.72
CA LEU A 234 -2.56 0.83 11.17
C LEU A 234 -3.27 0.26 9.93
N ILE A 235 -3.75 -0.98 10.02
CA ILE A 235 -4.24 -1.73 8.88
C ILE A 235 -5.69 -2.11 9.10
N LEU A 236 -6.61 -1.46 8.39
CA LEU A 236 -8.03 -1.84 8.46
C LEU A 236 -8.35 -2.78 7.31
N ASP A 237 -8.98 -3.92 7.63
CA ASP A 237 -9.41 -4.87 6.59
C ASP A 237 -10.71 -4.46 5.94
N GLU A 238 -11.28 -5.39 5.17
CA GLU A 238 -12.44 -5.05 4.34
C GLU A 238 -13.70 -4.93 5.16
N TYR A 239 -13.63 -5.35 6.42
CA TYR A 239 -14.74 -5.11 7.37
C TYR A 239 -14.41 -3.95 8.32
N MET A 240 -13.36 -3.21 8.02
CA MET A 240 -12.83 -2.15 8.89
C MET A 240 -12.52 -2.62 10.31
N ARG A 241 -11.92 -3.80 10.35
CA ARG A 241 -11.27 -4.37 11.53
C ARG A 241 -9.79 -4.06 11.48
N PHE A 242 -9.22 -3.63 12.61
CA PHE A 242 -7.75 -3.49 12.61
C PHE A 242 -7.09 -4.88 12.62
N LEU A 243 -6.00 -5.01 11.87
CA LEU A 243 -5.28 -6.27 11.86
C LEU A 243 -4.00 -6.13 12.70
N ASP A 244 -3.83 -7.00 13.68
CA ASP A 244 -2.69 -7.01 14.60
C ASP A 244 -1.70 -8.03 14.04
N CYS A 245 -0.47 -7.59 13.77
CA CYS A 245 0.54 -8.45 13.16
C CYS A 245 1.60 -8.87 14.15
N THR A 246 1.42 -8.51 15.43
CA THR A 246 2.53 -8.73 16.36
C THR A 246 2.82 -10.23 16.56
N GLY A 247 1.81 -11.08 16.43
CA GLY A 247 1.94 -12.49 16.63
C GLY A 247 2.33 -13.23 15.38
N GLY A 248 2.61 -12.51 14.27
CA GLY A 248 3.05 -13.10 13.01
C GLY A 248 1.92 -13.41 12.04
N SER A 249 0.67 -13.10 12.40
CA SER A 249 -0.50 -13.30 11.54
C SER A 249 -1.11 -11.93 11.25
N LYS A 250 -2.37 -11.90 10.76
CA LYS A 250 -3.14 -10.65 10.65
C LYS A 250 -4.42 -10.84 11.42
N SER A 251 -4.35 -10.65 12.74
CA SER A 251 -5.44 -11.03 13.65
C SER A 251 -6.44 -9.87 13.81
N PRO A 252 -7.69 -10.00 13.38
CA PRO A 252 -8.61 -8.84 13.37
C PRO A 252 -9.21 -8.49 14.73
N SER A 253 -9.35 -7.19 14.93
CA SER A 253 -10.10 -6.64 16.04
C SER A 253 -11.59 -6.72 15.70
N LYS A 254 -12.48 -6.23 16.57
CA LYS A 254 -13.84 -5.96 16.07
C LYS A 254 -13.85 -4.77 15.09
N SER A 255 -14.94 -4.63 14.34
CA SER A 255 -14.99 -3.54 13.35
C SER A 255 -15.15 -2.23 14.10
N ILE A 256 -14.47 -1.17 13.64
CA ILE A 256 -14.73 0.17 14.25
C ILE A 256 -16.18 0.55 14.05
N LEU A 257 -16.83 0.03 13.00
CA LEU A 257 -18.24 0.34 12.77
C LEU A 257 -19.14 -0.18 13.87
N ASP A 258 -18.67 -1.16 14.65
CA ASP A 258 -19.47 -1.70 15.76
C ASP A 258 -19.03 -1.16 17.11
N VAL A 259 -17.72 -1.00 17.33
CA VAL A 259 -17.19 -0.66 18.66
C VAL A 259 -16.56 0.73 18.72
N GLY A 260 -16.42 1.41 17.59
CA GLY A 260 -15.74 2.69 17.58
C GLY A 260 -14.24 2.52 17.43
N VAL A 261 -13.57 3.62 17.10
CA VAL A 261 -12.15 3.61 16.82
C VAL A 261 -11.32 3.29 18.07
N ASP A 262 -11.56 3.99 19.19
CA ASP A 262 -10.66 3.86 20.34
C ASP A 262 -10.67 2.42 20.85
N GLN A 263 -11.83 1.79 20.87
CA GLN A 263 -11.92 0.44 21.42
C GLN A 263 -11.18 -0.54 20.51
N ALA A 264 -11.43 -0.47 19.21
CA ALA A 264 -10.76 -1.38 18.27
C ALA A 264 -9.27 -1.15 18.27
N MET A 265 -8.84 0.10 18.39
CA MET A 265 -7.41 0.45 18.36
C MET A 265 -6.62 -0.29 19.42
N LYS A 266 -7.25 -0.56 20.57
CA LYS A 266 -6.51 -1.32 21.59
C LYS A 266 -6.05 -2.66 21.08
N PHE A 267 -6.67 -3.20 20.03
CA PHE A 267 -6.33 -4.51 19.48
C PHE A 267 -5.65 -4.44 18.14
N SER A 268 -5.05 -3.29 17.82
CA SER A 268 -4.42 -3.11 16.51
C SER A 268 -3.01 -3.68 16.49
N GLY A 269 -2.39 -3.89 17.62
CA GLY A 269 -0.95 -4.25 17.62
C GLY A 269 -0.03 -3.15 17.10
N PHE A 270 -0.50 -1.90 16.99
CA PHE A 270 0.28 -0.86 16.35
C PHE A 270 1.46 -0.50 17.24
N ASP A 271 2.63 -0.41 16.61
CA ASP A 271 3.86 -0.03 17.30
C ASP A 271 4.14 1.39 16.84
N GLU A 272 3.63 2.36 17.62
CA GLU A 272 3.78 3.74 17.21
C GLU A 272 5.23 4.18 17.19
N LYS A 273 6.08 3.65 18.10
CA LYS A 273 7.47 4.06 18.05
C LYS A 273 8.11 3.64 16.73
N MET A 274 7.77 2.44 16.28
CA MET A 274 8.31 1.96 15.01
C MET A 274 7.75 2.74 13.83
N PHE A 275 6.48 3.13 13.91
CA PHE A 275 5.92 4.01 12.88
C PHE A 275 6.75 5.28 12.74
N LEU A 276 7.15 5.87 13.87
CA LEU A 276 7.93 7.10 13.78
C LEU A 276 9.33 6.76 13.27
N LYS A 277 9.89 5.67 13.73
CA LYS A 277 11.27 5.37 13.33
C LYS A 277 11.41 5.11 11.84
N ARG A 278 10.41 4.46 11.22
CA ARG A 278 10.52 4.18 9.78
C ARG A 278 10.21 5.36 8.88
N GLY A 279 9.83 6.50 9.44
CA GLY A 279 9.48 7.64 8.61
C GLY A 279 8.02 7.74 8.25
N GLY A 280 7.11 7.19 9.08
CA GLY A 280 5.68 7.17 8.79
C GLY A 280 5.01 8.54 8.83
N LYS A 281 5.53 9.47 9.56
CA LYS A 281 5.01 10.82 9.49
C LYS A 281 6.00 11.68 8.70
N TYR A 282 5.53 12.25 7.57
CA TYR A 282 6.40 12.98 6.64
C TYR A 282 5.56 14.05 5.96
N VAL A 283 6.23 14.83 5.08
CA VAL A 283 5.56 15.92 4.37
C VAL A 283 4.68 15.28 3.29
N TRP A 284 3.41 15.12 3.60
CA TRP A 284 2.53 14.25 2.84
C TRP A 284 1.34 14.96 2.20
N SER A 285 1.22 16.29 2.27
CA SER A 285 0.13 17.03 1.65
C SER A 285 0.66 17.79 0.46
N LYS A 286 -0.14 17.85 -0.60
CA LYS A 286 0.46 18.34 -1.83
C LYS A 286 0.75 19.82 -1.80
N ALA A 287 0.08 20.60 -0.94
CA ALA A 287 0.46 22.00 -0.81
C ALA A 287 1.89 22.16 -0.32
N ASP A 288 2.45 21.15 0.36
CA ASP A 288 3.76 21.27 0.94
C ASP A 288 4.84 20.65 0.09
N MET A 289 4.49 20.10 -1.07
CA MET A 289 5.52 19.52 -1.95
C MET A 289 5.94 20.36 -3.15
FE1 SF4 B . -2.28 -8.05 -5.92
FE2 SF4 B . 0.43 -8.30 -6.03
FE3 SF4 B . -0.92 -8.76 -3.69
FE4 SF4 B . -0.75 -6.10 -4.76
S1 SF4 B . 0.93 -7.46 -3.97
S2 SF4 B . -2.60 -7.31 -3.77
S3 SF4 B . -0.78 -6.68 -7.03
S4 SF4 B . -1.15 -9.95 -5.65
N SAM C . -2.21 -4.45 -5.02
CA SAM C . -1.64 -3.11 -4.77
C SAM C . -0.17 -3.22 -4.94
O SAM C . 0.41 -4.32 -5.02
OXT SAM C . 0.46 -2.14 -4.98
CB SAM C . -1.94 -2.65 -3.31
CG SAM C . -1.88 -3.75 -2.20
SD SAM C . -0.27 -4.52 -1.77
CE SAM C . -0.65 -6.01 -0.87
C5' SAM C . 0.39 -3.16 -0.70
C4' SAM C . 1.94 -3.08 -0.82
O4' SAM C . 2.53 -4.20 -0.13
C3' SAM C . 2.53 -3.13 -2.23
O3' SAM C . 3.52 -2.13 -2.43
C2' SAM C . 3.13 -4.51 -2.29
O2' SAM C . 4.10 -4.70 -3.28
C1' SAM C . 3.63 -4.75 -0.87
N9 SAM C . 3.71 -6.16 -0.53
C8 SAM C . 2.89 -7.20 -0.94
N7 SAM C . 3.33 -8.35 -0.37
C5 SAM C . 4.45 -8.04 0.37
C6 SAM C . 5.33 -8.82 1.15
N6 SAM C . 5.20 -10.16 1.29
N1 SAM C . 6.30 -8.15 1.85
C2 SAM C . 6.47 -6.80 1.74
N3 SAM C . 5.63 -6.01 0.97
C4 SAM C . 4.66 -6.68 0.32
N1 CTP D . 1.06 -3.72 5.24
C2 CTP D . 0.50 -4.96 5.40
N3 CTP D . 0.94 -5.74 6.41
C4 CTP D . 1.95 -5.26 7.23
C5 CTP D . 2.58 -4.04 7.00
C6 CTP D . 2.09 -3.26 5.99
O2 CTP D . -0.44 -5.37 4.66
N4 CTP D . 2.27 -6.08 8.25
C1' CTP D . 0.54 -2.90 4.15
C2' CTP D . 0.12 -1.46 4.53
O2' CTP D . -1.14 -1.42 5.21
C3' CTP D . 0.24 -0.72 3.21
C4' CTP D . 1.37 -1.44 2.44
O4' CTP D . 1.62 -2.62 3.21
O3' CTP D . -0.97 -0.88 2.44
C5' CTP D . 2.67 -0.65 2.51
O5' CTP D . 2.54 0.42 1.62
PA CTP D . 3.08 1.89 1.95
O1A CTP D . 3.28 2.59 0.69
O2A CTP D . 4.25 1.74 2.89
O3A CTP D . 1.81 2.54 2.80
PB CTP D . 1.51 4.04 3.20
O1B CTP D . 0.88 4.78 2.05
O2B CTP D . 0.75 3.92 4.51
O3B CTP D . 2.98 4.52 3.50
PG CTP D . 3.57 6.01 3.85
O1G CTP D . 4.06 6.59 2.53
O2G CTP D . 4.68 5.73 4.85
O3G CTP D . 2.45 6.79 4.45
NA NA E . -4.27 -16.53 2.30
#